data_5KI0
#
_entry.id   5KI0
#
_entity_poly.entity_id   1
_entity_poly.type   'polypeptide(L)'
_entity_poly.pdbx_seq_one_letter_code
;RAIGGGLSSVGGGSSTIKY
;
_entity_poly.pdbx_strand_id   A
#
# COMPACT_ATOMS: atom_id res chain seq x y z
N ARG A 1 3.19 16.82 -3.19
CA ARG A 1 4.54 17.06 -2.61
C ARG A 1 5.49 15.95 -3.05
N ALA A 2 6.58 15.78 -2.32
CA ALA A 2 7.56 14.75 -2.65
C ALA A 2 7.25 13.46 -1.91
N ILE A 3 6.17 13.50 -1.14
CA ILE A 3 5.74 12.35 -0.36
C ILE A 3 4.58 11.66 -1.04
N GLY A 4 4.29 12.10 -2.25
CA GLY A 4 3.19 11.54 -3.03
C GLY A 4 3.38 10.04 -3.24
N GLY A 5 3.09 9.27 -2.19
CA GLY A 5 3.23 7.82 -2.25
C GLY A 5 1.93 7.16 -2.72
N GLY A 6 1.06 6.85 -1.77
CA GLY A 6 -0.22 6.23 -2.07
C GLY A 6 -0.23 4.77 -1.62
N LEU A 7 -1.05 4.48 -0.61
CA LEU A 7 -1.16 3.12 -0.09
C LEU A 7 -1.79 2.20 -1.13
N SER A 8 -2.61 2.77 -2.00
CA SER A 8 -3.28 1.99 -3.04
C SER A 8 -2.29 1.56 -4.11
N SER A 9 -1.07 2.09 -4.04
CA SER A 9 -0.03 1.75 -5.00
C SER A 9 0.72 0.50 -4.54
N VAL A 10 0.50 0.12 -3.28
CA VAL A 10 1.15 -1.04 -2.71
C VAL A 10 0.78 -2.30 -3.49
N GLY A 11 1.77 -3.12 -3.82
CA GLY A 11 1.53 -4.35 -4.56
C GLY A 11 1.71 -5.58 -3.67
N GLY A 12 1.40 -6.74 -4.21
CA GLY A 12 1.53 -7.99 -3.45
C GLY A 12 0.29 -8.25 -2.59
N GLY A 13 -0.59 -7.26 -2.52
CA GLY A 13 -1.82 -7.39 -1.73
C GLY A 13 -1.57 -7.06 -0.27
N SER A 14 -2.53 -6.39 0.35
CA SER A 14 -2.40 -6.00 1.77
C SER A 14 -3.07 -7.02 2.69
N SER A 15 -4.37 -7.22 2.49
CA SER A 15 -5.15 -8.12 3.33
C SER A 15 -4.68 -9.57 3.21
N THR A 16 -3.64 -9.78 2.45
CA THR A 16 -3.10 -11.12 2.26
C THR A 16 -2.65 -11.71 3.60
N ILE A 17 -2.27 -10.83 4.52
CA ILE A 17 -1.81 -11.28 5.84
C ILE A 17 -3.01 -11.57 6.74
N LYS A 18 -4.19 -11.16 6.31
CA LYS A 18 -5.40 -11.39 7.09
C LYS A 18 -5.16 -10.98 8.54
N TYR A 19 -5.48 -9.72 8.85
CA TYR A 19 -5.29 -9.21 10.21
C TYR A 19 -5.75 -10.24 11.23
N ARG A 1 2.50 16.73 -2.59
CA ARG A 1 3.96 17.01 -2.45
C ARG A 1 4.77 15.81 -2.95
N ALA A 2 6.06 15.81 -2.65
CA ALA A 2 6.93 14.72 -3.07
C ALA A 2 6.67 13.48 -2.23
N ILE A 3 5.73 13.61 -1.31
CA ILE A 3 5.36 12.53 -0.42
C ILE A 3 4.49 11.52 -1.17
N GLY A 4 4.38 11.73 -2.47
CA GLY A 4 3.58 10.86 -3.33
C GLY A 4 3.79 9.39 -2.95
N GLY A 5 2.70 8.72 -2.60
CA GLY A 5 2.77 7.31 -2.22
C GLY A 5 1.42 6.62 -2.41
N GLY A 6 0.51 6.86 -1.47
CA GLY A 6 -0.81 6.25 -1.54
C GLY A 6 -0.75 4.75 -1.32
N LEU A 7 -0.98 4.32 -0.09
CA LEU A 7 -0.93 2.91 0.25
C LEU A 7 -1.88 2.13 -0.65
N SER A 8 -2.68 2.85 -1.44
CA SER A 8 -3.63 2.21 -2.34
C SER A 8 -2.91 1.72 -3.60
N SER A 9 -1.70 2.21 -3.81
CA SER A 9 -0.91 1.81 -4.98
C SER A 9 -0.01 0.64 -4.64
N VAL A 10 0.10 0.36 -3.34
CA VAL A 10 0.93 -0.75 -2.87
C VAL A 10 0.72 -1.98 -3.75
N GLY A 11 1.70 -2.87 -3.74
CA GLY A 11 1.62 -4.10 -4.53
C GLY A 11 2.56 -5.16 -3.98
N GLY A 12 2.02 -6.05 -3.15
CA GLY A 12 2.81 -7.12 -2.56
C GLY A 12 1.92 -8.11 -1.81
N GLY A 13 1.42 -7.68 -0.66
CA GLY A 13 0.56 -8.54 0.15
C GLY A 13 0.02 -7.78 1.36
N SER A 14 -0.69 -6.69 1.11
CA SER A 14 -1.25 -5.88 2.19
C SER A 14 -2.52 -6.52 2.74
N SER A 15 -3.34 -7.07 1.84
CA SER A 15 -4.59 -7.71 2.24
C SER A 15 -4.40 -9.21 2.38
N THR A 16 -3.19 -9.64 2.18
CA THR A 16 -2.85 -11.06 2.28
C THR A 16 -2.56 -11.44 3.72
N ILE A 17 -1.94 -10.53 4.46
CA ILE A 17 -1.61 -10.79 5.85
C ILE A 17 -2.87 -11.16 6.64
N LYS A 18 -3.97 -10.51 6.31
CA LYS A 18 -5.23 -10.77 6.99
C LYS A 18 -5.04 -10.84 8.49
N TYR A 19 -4.92 -9.68 9.12
CA TYR A 19 -4.73 -9.61 10.57
C TYR A 19 -5.74 -10.52 11.28
N ARG A 1 3.54 17.06 -3.93
CA ARG A 1 4.75 17.16 -3.08
C ARG A 1 5.70 16.00 -3.42
N ALA A 2 6.57 15.66 -2.48
CA ALA A 2 7.53 14.57 -2.68
C ALA A 2 7.21 13.40 -1.77
N ILE A 3 6.16 13.57 -1.00
CA ILE A 3 5.73 12.54 -0.07
C ILE A 3 4.82 11.53 -0.76
N GLY A 4 4.73 11.69 -2.08
CA GLY A 4 3.91 10.80 -2.89
C GLY A 4 4.19 9.34 -2.56
N GLY A 5 3.13 8.54 -2.53
CA GLY A 5 3.28 7.11 -2.23
C GLY A 5 2.02 6.33 -2.62
N GLY A 6 0.96 6.50 -1.82
CA GLY A 6 -0.29 5.81 -2.09
C GLY A 6 -0.22 4.36 -1.63
N LEU A 7 -0.31 4.16 -0.33
CA LEU A 7 -0.26 2.80 0.23
C LEU A 7 -1.32 1.92 -0.43
N SER A 8 -2.35 2.55 -0.99
CA SER A 8 -3.41 1.80 -1.65
C SER A 8 -2.96 1.31 -3.03
N SER A 9 -2.10 2.09 -3.67
CA SER A 9 -1.60 1.71 -4.99
C SER A 9 -0.53 0.63 -4.85
N VAL A 10 -0.09 0.43 -3.61
CA VAL A 10 0.93 -0.57 -3.33
C VAL A 10 0.44 -1.96 -3.74
N GLY A 11 1.36 -2.92 -3.80
CA GLY A 11 1.02 -4.28 -4.18
C GLY A 11 1.65 -5.29 -3.23
N GLY A 12 1.81 -6.52 -3.71
CA GLY A 12 2.41 -7.58 -2.89
C GLY A 12 1.38 -8.20 -1.95
N GLY A 13 0.22 -7.55 -1.83
CA GLY A 13 -0.84 -8.05 -0.97
C GLY A 13 -0.82 -7.35 0.38
N SER A 14 -1.80 -6.48 0.61
CA SER A 14 -1.88 -5.74 1.86
C SER A 14 -2.79 -6.47 2.85
N SER A 15 -4.05 -6.63 2.47
CA SER A 15 -5.01 -7.32 3.32
C SER A 15 -4.78 -8.82 3.31
N THR A 16 -3.73 -9.21 2.59
CA THR A 16 -3.38 -10.62 2.48
C THR A 16 -2.83 -11.14 3.81
N ILE A 17 -2.61 -10.23 4.75
CA ILE A 17 -2.08 -10.60 6.07
C ILE A 17 -3.21 -11.14 6.95
N LYS A 18 -4.45 -10.83 6.58
CA LYS A 18 -5.60 -11.29 7.35
C LYS A 18 -5.37 -11.05 8.84
N TYR A 19 -5.79 -9.87 9.32
CA TYR A 19 -5.63 -9.53 10.73
C TYR A 19 -6.39 -10.50 11.62
N ARG A 1 1.50 15.21 -1.67
CA ARG A 1 2.69 16.06 -1.95
C ARG A 1 3.77 15.20 -2.59
N ALA A 2 5.03 15.62 -2.41
CA ALA A 2 6.15 14.88 -2.97
C ALA A 2 6.48 13.67 -2.11
N ILE A 3 5.72 13.51 -1.06
CA ILE A 3 5.90 12.39 -0.14
C ILE A 3 5.37 11.10 -0.76
N GLY A 4 4.99 11.20 -2.01
CA GLY A 4 4.46 10.06 -2.77
C GLY A 4 3.83 9.02 -1.84
N GLY A 5 2.56 9.23 -1.50
CA GLY A 5 1.85 8.31 -0.62
C GLY A 5 1.06 7.28 -1.42
N GLY A 6 -0.27 7.39 -1.37
CA GLY A 6 -1.14 6.48 -2.09
C GLY A 6 -0.66 5.04 -1.95
N LEU A 7 -1.12 4.37 -0.90
CA LEU A 7 -0.74 2.97 -0.66
C LEU A 7 -1.48 2.04 -1.61
N SER A 8 -2.55 2.55 -2.20
CA SER A 8 -3.35 1.76 -3.13
C SER A 8 -2.52 1.32 -4.32
N SER A 9 -1.36 1.96 -4.50
CA SER A 9 -0.47 1.62 -5.61
C SER A 9 0.49 0.51 -5.19
N VAL A 10 0.54 0.26 -3.89
CA VAL A 10 1.43 -0.77 -3.35
C VAL A 10 1.30 -2.06 -4.15
N GLY A 11 2.35 -2.87 -4.16
CA GLY A 11 2.34 -4.13 -4.89
C GLY A 11 2.80 -5.27 -3.99
N GLY A 12 1.85 -6.04 -3.47
CA GLY A 12 2.18 -7.17 -2.60
C GLY A 12 0.92 -7.71 -1.93
N GLY A 13 0.48 -7.03 -0.87
CA GLY A 13 -0.72 -7.45 -0.15
C GLY A 13 -0.86 -6.68 1.16
N SER A 14 -1.95 -5.93 1.28
CA SER A 14 -2.19 -5.14 2.48
C SER A 14 -2.97 -5.96 3.51
N SER A 15 -4.22 -6.28 3.17
CA SER A 15 -5.07 -7.06 4.06
C SER A 15 -4.94 -8.54 3.77
N THR A 16 -4.06 -8.86 2.86
CA THR A 16 -3.81 -10.25 2.47
C THR A 16 -3.43 -11.08 3.70
N ILE A 17 -3.00 -10.40 4.75
CA ILE A 17 -2.61 -11.09 5.98
C ILE A 17 -3.81 -11.24 6.91
N LYS A 18 -4.78 -10.33 6.77
CA LYS A 18 -5.97 -10.37 7.61
C LYS A 18 -5.59 -10.36 9.08
N TYR A 19 -4.88 -9.31 9.50
CA TYR A 19 -4.46 -9.19 10.89
C TYR A 19 -5.63 -9.47 11.83
N ARG A 1 2.46 16.80 -3.43
CA ARG A 1 3.71 17.00 -2.65
C ARG A 1 4.77 16.01 -3.13
N ALA A 2 6.02 16.28 -2.79
CA ALA A 2 7.12 15.41 -3.19
C ALA A 2 7.11 14.14 -2.37
N ILE A 3 6.14 14.05 -1.49
CA ILE A 3 5.98 12.88 -0.62
C ILE A 3 5.03 11.88 -1.25
N GLY A 4 4.66 12.17 -2.49
CA GLY A 4 3.75 11.30 -3.23
C GLY A 4 4.09 9.83 -3.00
N GLY A 5 3.24 9.16 -2.23
CA GLY A 5 3.45 7.74 -1.93
C GLY A 5 2.25 6.90 -2.36
N GLY A 6 1.08 7.23 -1.82
CA GLY A 6 -0.13 6.50 -2.15
C GLY A 6 0.01 5.02 -1.86
N LEU A 7 -0.46 4.60 -0.68
CA LEU A 7 -0.38 3.21 -0.28
C LEU A 7 -1.35 2.36 -1.10
N SER A 8 -2.30 3.02 -1.75
CA SER A 8 -3.29 2.32 -2.56
C SER A 8 -2.62 1.71 -3.80
N SER A 9 -1.37 2.09 -4.05
CA SER A 9 -0.64 1.58 -5.19
C SER A 9 0.15 0.33 -4.80
N VAL A 10 0.25 0.09 -3.50
CA VAL A 10 0.97 -1.06 -3.00
C VAL A 10 0.60 -2.32 -3.79
N GLY A 11 1.62 -3.01 -4.29
CA GLY A 11 1.40 -4.23 -5.08
C GLY A 11 1.94 -5.45 -4.34
N GLY A 12 1.98 -5.37 -3.01
CA GLY A 12 2.47 -6.48 -2.21
C GLY A 12 1.33 -7.37 -1.74
N GLY A 13 0.77 -7.06 -0.57
CA GLY A 13 -0.33 -7.84 -0.03
C GLY A 13 -0.70 -7.36 1.37
N SER A 14 -1.65 -6.43 1.43
CA SER A 14 -2.08 -5.88 2.71
C SER A 14 -3.12 -6.79 3.36
N SER A 15 -4.25 -6.95 2.68
CA SER A 15 -5.33 -7.79 3.20
C SER A 15 -4.99 -9.26 3.03
N THR A 16 -3.79 -9.50 2.53
CA THR A 16 -3.32 -10.86 2.30
C THR A 16 -3.15 -11.59 3.63
N ILE A 17 -2.59 -10.90 4.61
CA ILE A 17 -2.37 -11.49 5.92
C ILE A 17 -3.65 -11.45 6.75
N LYS A 18 -4.54 -10.53 6.40
CA LYS A 18 -5.80 -10.40 7.11
C LYS A 18 -5.58 -10.46 8.62
N TYR A 19 -4.44 -9.93 9.06
CA TYR A 19 -4.11 -9.93 10.49
C TYR A 19 -4.40 -11.30 11.10
N ARG A 1 4.39 17.41 -4.01
CA ARG A 1 4.78 17.06 -2.61
C ARG A 1 5.70 15.85 -2.63
N ALA A 2 6.76 15.91 -1.83
CA ALA A 2 7.72 14.81 -1.77
C ALA A 2 7.09 13.60 -1.09
N ILE A 3 5.84 13.76 -0.71
CA ILE A 3 5.10 12.69 -0.06
C ILE A 3 4.76 11.60 -1.04
N GLY A 4 5.33 11.71 -2.23
CA GLY A 4 5.09 10.74 -3.29
C GLY A 4 5.10 9.32 -2.74
N GLY A 5 3.93 8.69 -2.72
CA GLY A 5 3.82 7.33 -2.21
C GLY A 5 2.44 6.75 -2.52
N GLY A 6 1.51 6.94 -1.60
CA GLY A 6 0.15 6.42 -1.79
C GLY A 6 0.07 4.94 -1.46
N LEU A 7 -0.35 4.62 -0.24
CA LEU A 7 -0.47 3.23 0.17
C LEU A 7 -1.45 2.48 -0.71
N SER A 8 -2.23 3.24 -1.48
CA SER A 8 -3.22 2.64 -2.37
C SER A 8 -2.55 2.16 -3.66
N SER A 9 -1.31 2.56 -3.86
CA SER A 9 -0.57 2.17 -5.06
C SER A 9 0.22 0.89 -4.80
N VAL A 10 0.31 0.52 -3.53
CA VAL A 10 1.04 -0.68 -3.13
C VAL A 10 0.62 -1.86 -4.00
N GLY A 11 1.61 -2.59 -4.52
CA GLY A 11 1.33 -3.75 -5.36
C GLY A 11 1.80 -5.03 -4.67
N GLY A 12 0.85 -5.78 -4.13
CA GLY A 12 1.17 -7.04 -3.45
C GLY A 12 0.04 -7.46 -2.53
N GLY A 13 -0.82 -6.51 -2.16
CA GLY A 13 -1.94 -6.80 -1.28
C GLY A 13 -1.50 -6.82 0.18
N SER A 14 -2.07 -5.94 0.98
CA SER A 14 -1.72 -5.86 2.40
C SER A 14 -2.70 -6.68 3.24
N SER A 15 -3.73 -7.20 2.60
CA SER A 15 -4.75 -7.99 3.30
C SER A 15 -4.45 -9.48 3.26
N THR A 16 -3.31 -9.82 2.69
CA THR A 16 -2.92 -11.23 2.59
C THR A 16 -2.61 -11.78 3.97
N ILE A 17 -2.07 -10.93 4.84
CA ILE A 17 -1.73 -11.35 6.20
C ILE A 17 -2.99 -11.70 6.98
N LYS A 18 -4.12 -11.16 6.54
CA LYS A 18 -5.40 -11.43 7.20
C LYS A 18 -5.33 -10.99 8.66
N TYR A 19 -4.67 -9.87 8.91
CA TYR A 19 -4.54 -9.36 10.27
C TYR A 19 -4.29 -10.49 11.26
N ARG A 1 2.92 17.15 -3.73
CA ARG A 1 4.18 17.26 -2.93
C ARG A 1 4.98 15.98 -3.11
N ALA A 2 6.27 16.04 -2.78
CA ALA A 2 7.14 14.88 -2.90
C ALA A 2 6.71 13.79 -1.94
N ILE A 3 5.67 14.08 -1.20
CA ILE A 3 5.13 13.15 -0.22
C ILE A 3 4.16 12.18 -0.91
N GLY A 4 4.12 12.27 -2.22
CA GLY A 4 3.25 11.41 -3.01
C GLY A 4 3.63 9.94 -2.83
N GLY A 5 2.61 9.10 -2.68
CA GLY A 5 2.84 7.67 -2.50
C GLY A 5 1.58 6.86 -2.79
N GLY A 6 0.68 6.80 -1.81
CA GLY A 6 -0.56 6.07 -1.96
C GLY A 6 -0.35 4.56 -1.78
N LEU A 7 -0.75 4.06 -0.62
CA LEU A 7 -0.60 2.64 -0.33
C LEU A 7 -1.49 1.80 -1.23
N SER A 8 -2.63 2.36 -1.61
CA SER A 8 -3.56 1.65 -2.48
C SER A 8 -2.87 1.23 -3.78
N SER A 9 -1.67 1.76 -4.00
CA SER A 9 -0.91 1.43 -5.20
C SER A 9 0.02 0.25 -4.93
N VAL A 10 0.18 -0.10 -3.65
CA VAL A 10 1.04 -1.21 -3.27
C VAL A 10 0.85 -2.39 -4.22
N GLY A 11 1.96 -2.93 -4.70
CA GLY A 11 1.91 -4.07 -5.62
C GLY A 11 2.44 -5.34 -4.95
N GLY A 12 1.89 -5.64 -3.77
CA GLY A 12 2.30 -6.82 -3.03
C GLY A 12 1.12 -7.45 -2.29
N GLY A 13 1.02 -7.18 -1.00
CA GLY A 13 -0.07 -7.72 -0.20
C GLY A 13 -0.14 -7.02 1.16
N SER A 14 -1.11 -6.12 1.30
CA SER A 14 -1.29 -5.39 2.55
C SER A 14 -2.22 -6.14 3.49
N SER A 15 -3.48 -6.26 3.09
CA SER A 15 -4.47 -6.96 3.90
C SER A 15 -4.41 -8.45 3.63
N THR A 16 -3.47 -8.84 2.80
CA THR A 16 -3.29 -10.25 2.45
C THR A 16 -2.88 -11.06 3.67
N ILE A 17 -2.46 -10.35 4.72
CA ILE A 17 -2.03 -11.03 5.95
C ILE A 17 -3.25 -11.47 6.76
N LYS A 18 -4.39 -10.84 6.50
CA LYS A 18 -5.62 -11.17 7.21
C LYS A 18 -5.44 -10.99 8.72
N TYR A 19 -5.64 -9.77 9.19
CA TYR A 19 -5.49 -9.46 10.61
C TYR A 19 -6.16 -10.54 11.46
N ARG A 1 4.29 16.92 -3.48
CA ARG A 1 5.09 16.66 -2.25
C ARG A 1 5.74 15.28 -2.35
N ALA A 2 6.65 15.00 -1.42
CA ALA A 2 7.34 13.71 -1.41
C ALA A 2 6.43 12.62 -0.90
N ILE A 3 5.23 13.02 -0.56
CA ILE A 3 4.23 12.08 -0.04
C ILE A 3 3.56 11.34 -1.18
N GLY A 4 4.11 11.53 -2.37
CA GLY A 4 3.56 10.88 -3.56
C GLY A 4 3.84 9.38 -3.52
N GLY A 5 2.83 8.62 -3.13
CA GLY A 5 2.96 7.17 -3.06
C GLY A 5 1.60 6.48 -3.12
N GLY A 6 0.87 6.51 -2.01
CA GLY A 6 -0.44 5.89 -1.95
C GLY A 6 -0.33 4.44 -1.48
N LEU A 7 -0.81 4.17 -0.27
CA LEU A 7 -0.76 2.83 0.29
C LEU A 7 -1.61 1.87 -0.54
N SER A 8 -2.39 2.42 -1.46
CA SER A 8 -3.25 1.61 -2.31
C SER A 8 -2.52 1.19 -3.58
N SER A 9 -1.37 1.81 -3.83
CA SER A 9 -0.58 1.49 -5.02
C SER A 9 0.24 0.23 -4.76
N VAL A 10 0.49 -0.03 -3.49
CA VAL A 10 1.28 -1.20 -3.10
C VAL A 10 0.72 -2.46 -3.76
N GLY A 11 1.59 -3.18 -4.45
CA GLY A 11 1.18 -4.42 -5.12
C GLY A 11 1.45 -5.63 -4.25
N GLY A 12 2.29 -5.45 -3.24
CA GLY A 12 2.63 -6.55 -2.34
C GLY A 12 1.38 -7.32 -1.93
N GLY A 13 0.54 -6.70 -1.09
CA GLY A 13 -0.67 -7.34 -0.64
C GLY A 13 -1.18 -6.69 0.64
N SER A 14 -2.44 -6.24 0.62
CA SER A 14 -3.02 -5.59 1.79
C SER A 14 -3.76 -6.61 2.65
N SER A 15 -4.84 -7.16 2.11
CA SER A 15 -5.64 -8.15 2.83
C SER A 15 -4.98 -9.51 2.78
N THR A 16 -3.82 -9.55 2.16
CA THR A 16 -3.05 -10.79 2.03
C THR A 16 -2.44 -11.19 3.37
N ILE A 17 -2.21 -10.20 4.23
CA ILE A 17 -1.63 -10.46 5.54
C ILE A 17 -2.71 -10.86 6.54
N LYS A 18 -3.91 -10.32 6.34
CA LYS A 18 -5.02 -10.61 7.23
C LYS A 18 -4.62 -10.37 8.69
N TYR A 19 -4.83 -9.15 9.16
CA TYR A 19 -4.49 -8.79 10.53
C TYR A 19 -4.84 -9.93 11.48
N ARG A 1 1.21 15.52 -2.56
CA ARG A 1 2.49 16.24 -2.84
C ARG A 1 3.47 15.28 -3.52
N ALA A 2 4.75 15.56 -3.39
CA ALA A 2 5.78 14.71 -3.99
C ALA A 2 6.32 13.71 -2.98
N ILE A 3 5.76 13.77 -1.79
CA ILE A 3 6.16 12.87 -0.71
C ILE A 3 5.71 11.45 -1.02
N GLY A 4 5.20 11.27 -2.22
CA GLY A 4 4.73 9.96 -2.65
C GLY A 4 4.00 9.24 -1.53
N GLY A 5 4.16 7.91 -1.48
CA GLY A 5 3.52 7.11 -0.45
C GLY A 5 2.69 5.99 -1.08
N GLY A 6 1.53 6.36 -1.61
CA GLY A 6 0.64 5.40 -2.25
C GLY A 6 0.66 4.07 -1.52
N LEU A 7 0.20 4.07 -0.27
CA LEU A 7 0.18 2.85 0.53
C LEU A 7 -0.78 1.83 -0.08
N SER A 8 -1.85 2.33 -0.69
CA SER A 8 -2.85 1.46 -1.30
C SER A 8 -2.48 1.19 -2.76
N SER A 9 -1.48 1.89 -3.26
CA SER A 9 -1.05 1.72 -4.64
C SER A 9 -0.03 0.58 -4.73
N VAL A 10 0.83 0.50 -3.72
CA VAL A 10 1.85 -0.56 -3.68
C VAL A 10 1.19 -1.93 -3.81
N GLY A 11 1.66 -2.72 -4.77
CA GLY A 11 1.12 -4.05 -4.99
C GLY A 11 1.59 -5.01 -3.91
N GLY A 12 1.67 -4.53 -2.68
CA GLY A 12 2.11 -5.35 -1.56
C GLY A 12 0.95 -6.17 -0.99
N GLY A 13 -0.26 -5.74 -1.28
CA GLY A 13 -1.44 -6.44 -0.80
C GLY A 13 -1.38 -6.63 0.71
N SER A 14 -1.73 -5.58 1.45
CA SER A 14 -1.71 -5.65 2.91
C SER A 14 -3.00 -6.28 3.43
N SER A 15 -3.94 -6.52 2.53
CA SER A 15 -5.22 -7.13 2.92
C SER A 15 -5.15 -8.65 2.80
N THR A 16 -3.97 -9.12 2.46
CA THR A 16 -3.73 -10.55 2.32
C THR A 16 -3.49 -11.20 3.67
N ILE A 17 -2.55 -10.63 4.42
CA ILE A 17 -2.22 -11.16 5.74
C ILE A 17 -3.49 -11.40 6.55
N LYS A 18 -4.57 -10.71 6.17
CA LYS A 18 -5.84 -10.85 6.86
C LYS A 18 -5.67 -10.62 8.36
N TYR A 19 -4.80 -9.68 8.71
CA TYR A 19 -4.55 -9.36 10.11
C TYR A 19 -4.51 -10.63 10.95
N ARG A 1 2.85 17.03 -2.96
CA ARG A 1 4.18 17.13 -2.31
C ARG A 1 5.01 15.90 -2.63
N ALA A 2 6.31 15.98 -2.38
CA ALA A 2 7.19 14.85 -2.65
C ALA A 2 6.86 13.69 -1.74
N ILE A 3 5.87 13.89 -0.91
CA ILE A 3 5.43 12.87 0.03
C ILE A 3 4.73 11.73 -0.71
N GLY A 4 4.79 11.80 -2.03
CA GLY A 4 4.17 10.80 -2.89
C GLY A 4 4.39 9.40 -2.32
N GLY A 5 3.30 8.64 -2.19
CA GLY A 5 3.39 7.28 -1.67
C GLY A 5 2.20 6.45 -2.12
N GLY A 6 1.02 6.77 -1.61
CA GLY A 6 -0.20 6.03 -1.97
C GLY A 6 0.00 4.54 -1.76
N LEU A 7 -0.41 4.05 -0.59
CA LEU A 7 -0.28 2.63 -0.28
C LEU A 7 -1.35 1.83 -1.00
N SER A 8 -2.28 2.52 -1.65
CA SER A 8 -3.35 1.86 -2.38
C SER A 8 -2.82 1.28 -3.69
N SER A 9 -1.61 1.69 -4.07
CA SER A 9 -0.99 1.20 -5.29
C SER A 9 -0.11 -0.01 -5.00
N VAL A 10 0.15 -0.22 -3.70
CA VAL A 10 0.97 -1.35 -3.28
C VAL A 10 0.58 -2.62 -4.04
N GLY A 11 1.49 -3.59 -4.06
CA GLY A 11 1.24 -4.84 -4.76
C GLY A 11 2.07 -5.97 -4.15
N GLY A 12 1.45 -6.74 -3.26
CA GLY A 12 2.14 -7.86 -2.61
C GLY A 12 1.17 -8.73 -1.83
N GLY A 13 0.32 -8.09 -1.03
CA GLY A 13 -0.65 -8.81 -0.23
C GLY A 13 -1.19 -7.95 0.90
N SER A 14 -2.31 -7.28 0.65
CA SER A 14 -2.92 -6.41 1.65
C SER A 14 -3.81 -7.21 2.59
N SER A 15 -4.89 -7.75 2.05
CA SER A 15 -5.82 -8.54 2.85
C SER A 15 -5.32 -9.97 3.02
N THR A 16 -4.14 -10.21 2.48
CA THR A 16 -3.53 -11.53 2.55
C THR A 16 -3.28 -11.92 4.00
N ILE A 17 -2.52 -11.10 4.70
CA ILE A 17 -2.21 -11.37 6.11
C ILE A 17 -3.43 -11.04 6.98
N LYS A 18 -4.35 -10.25 6.45
CA LYS A 18 -5.55 -9.88 7.17
C LYS A 18 -5.20 -9.33 8.55
N TYR A 19 -4.08 -8.60 8.62
CA TYR A 19 -3.63 -8.02 9.88
C TYR A 19 -3.89 -8.98 11.04
#